data_6FAN
#
_entry.id   6FAN
#
_cell.length_a   41.261
_cell.length_b   61.350
_cell.length_c   81.118
_cell.angle_alpha   90.00
_cell.angle_beta   100.41
_cell.angle_gamma   90.00
#
_symmetry.space_group_name_H-M   'P 1 21 1'
#
loop_
_entity.id
_entity.type
_entity.pdbx_description
1 polymer CooT
2 non-polymer (4S)-2-METHYL-2,4-PENTANEDIOL
3 non-polymer GLYCEROL
4 water water
#
_entity_poly.entity_id   1
_entity_poly.type   'polypeptide(L)'
_entity_poly.pdbx_seq_one_letter_code
;GCEASAFIVNGDKEELFLERVDKLIPTEEGLLLENIFGQRKVIKAKIKRLELVDHRILLERED
;
_entity_poly.pdbx_strand_id   A,B,C,D,E,F
#
# COMPACT_ATOMS: atom_id res chain seq x y z
N CYS A 2 -27.38 23.62 -7.35
CA CYS A 2 -27.49 22.55 -6.32
C CYS A 2 -26.22 21.68 -6.18
N GLU A 3 -26.08 21.12 -4.99
CA GLU A 3 -25.06 20.17 -4.69
C GLU A 3 -25.15 18.94 -5.62
N ALA A 4 -23.98 18.40 -5.94
CA ALA A 4 -23.86 17.32 -6.91
C ALA A 4 -23.11 16.17 -6.31
N SER A 5 -23.43 14.94 -6.67
CA SER A 5 -22.55 13.80 -6.34
C SER A 5 -21.33 13.70 -7.29
N ALA A 6 -20.17 13.38 -6.73
CA ALA A 6 -18.96 13.14 -7.56
C ALA A 6 -18.75 11.66 -7.84
N PHE A 7 -18.47 11.31 -9.08
CA PHE A 7 -18.23 9.93 -9.50
C PHE A 7 -16.87 9.83 -10.17
N ILE A 8 -16.19 8.69 -9.98
CA ILE A 8 -14.98 8.36 -10.74
C ILE A 8 -15.38 7.57 -11.96
N VAL A 9 -14.93 8.01 -13.13
CA VAL A 9 -15.18 7.30 -14.38
C VAL A 9 -13.91 6.60 -14.89
N ASN A 10 -13.92 5.29 -14.79
CA ASN A 10 -12.78 4.46 -15.17
C ASN A 10 -13.20 3.60 -16.35
N GLY A 11 -12.77 3.99 -17.56
CA GLY A 11 -13.28 3.41 -18.80
C GLY A 11 -14.76 3.67 -18.95
N ASP A 12 -15.57 2.61 -18.90
CA ASP A 12 -17.03 2.68 -18.96
C ASP A 12 -17.71 2.62 -17.57
N LYS A 13 -16.94 2.35 -16.52
CA LYS A 13 -17.46 2.20 -15.18
C LYS A 13 -17.56 3.55 -14.43
N GLU A 14 -18.57 3.69 -13.61
CA GLU A 14 -18.81 4.85 -12.79
C GLU A 14 -18.83 4.43 -11.33
N GLU A 15 -18.13 5.11 -10.46
CA GLU A 15 -18.08 4.77 -9.06
C GLU A 15 -18.34 5.99 -8.18
N LEU A 16 -19.29 5.91 -7.29
CA LEU A 16 -19.61 7.00 -6.42
C LEU A 16 -18.44 7.35 -5.56
N PHE A 17 -18.02 8.61 -5.54
CA PHE A 17 -16.87 8.99 -4.72
C PHE A 17 -17.27 9.79 -3.49
N LEU A 18 -18.24 10.69 -3.65
CA LEU A 18 -18.70 11.55 -2.58
C LEU A 18 -20.07 12.14 -2.96
N GLU A 19 -21.03 12.00 -2.05
CA GLU A 19 -22.38 12.46 -2.25
C GLU A 19 -22.48 13.93 -1.91
N ARG A 20 -23.40 14.58 -2.58
CA ARG A 20 -23.75 15.95 -2.35
C ARG A 20 -22.65 16.94 -2.08
N VAL A 21 -21.73 17.01 -3.01
CA VAL A 21 -20.63 17.90 -2.92
C VAL A 21 -21.05 19.36 -3.01
N ASP A 22 -20.53 20.19 -2.14
CA ASP A 22 -20.76 21.63 -2.18
C ASP A 22 -19.54 22.29 -2.84
N LYS A 23 -18.37 22.21 -2.19
CA LYS A 23 -17.15 22.85 -2.71
C LYS A 23 -16.24 21.91 -3.40
N LEU A 24 -15.68 22.35 -4.52
CA LEU A 24 -14.62 21.58 -5.22
C LEU A 24 -13.50 22.61 -5.51
N ILE A 25 -12.31 22.37 -4.95
CA ILE A 25 -11.17 23.28 -5.03
C ILE A 25 -9.95 22.52 -5.54
N PRO A 26 -9.52 22.77 -6.80
CA PRO A 26 -8.30 22.20 -7.30
C PRO A 26 -7.09 22.70 -6.46
N THR A 27 -6.23 21.77 -6.02
CA THR A 27 -5.02 22.12 -5.27
C THR A 27 -3.84 21.38 -5.89
N GLU A 28 -2.62 21.68 -5.41
CA GLU A 28 -1.42 20.92 -5.81
C GLU A 28 -1.49 19.44 -5.47
N GLU A 29 -2.17 19.09 -4.39
CA GLU A 29 -2.33 17.73 -3.97
C GLU A 29 -3.54 17.01 -4.57
N GLY A 30 -4.33 17.67 -5.40
CA GLY A 30 -5.55 17.06 -5.95
C GLY A 30 -6.77 17.95 -5.77
N LEU A 31 -7.92 17.41 -6.19
CA LEU A 31 -9.16 18.14 -6.05
C LEU A 31 -9.62 17.94 -4.63
N LEU A 32 -9.82 19.03 -3.90
CA LEU A 32 -10.40 18.96 -2.58
C LEU A 32 -11.93 19.16 -2.66
N LEU A 33 -12.69 18.16 -2.18
CA LEU A 33 -14.15 18.17 -2.21
C LEU A 33 -14.69 18.28 -0.80
N GLU A 34 -15.71 19.13 -0.59
CA GLU A 34 -16.40 19.17 0.69
C GLU A 34 -17.88 19.06 0.43
N ASN A 35 -18.55 18.10 1.05
CA ASN A 35 -19.99 17.93 0.87
C ASN A 35 -20.83 18.74 1.85
N ILE A 36 -22.15 18.73 1.69
CA ILE A 36 -23.03 19.53 2.55
C ILE A 36 -23.03 19.06 4.05
N PHE A 37 -22.55 17.85 4.33
CA PHE A 37 -22.44 17.32 5.69
C PHE A 37 -21.09 17.64 6.33
N GLY A 38 -20.20 18.26 5.57
CA GLY A 38 -18.88 18.70 6.06
C GLY A 38 -17.79 17.66 5.83
N GLN A 39 -18.14 16.53 5.22
CA GLN A 39 -17.17 15.51 4.87
C GLN A 39 -16.25 15.99 3.74
N ARG A 40 -14.95 15.78 3.91
CA ARG A 40 -13.93 16.21 2.96
C ARG A 40 -13.15 15.05 2.39
N LYS A 41 -12.83 15.11 1.10
CA LYS A 41 -11.98 14.12 0.44
C LYS A 41 -11.09 14.83 -0.58
N VAL A 42 -9.85 14.35 -0.75
CA VAL A 42 -8.94 14.82 -1.76
C VAL A 42 -8.69 13.72 -2.80
N ILE A 43 -8.68 14.07 -4.08
CA ILE A 43 -8.41 13.08 -5.11
C ILE A 43 -7.59 13.67 -6.24
N LYS A 44 -6.53 12.96 -6.65
CA LYS A 44 -5.73 13.35 -7.80
C LYS A 44 -6.51 12.97 -9.04
N ALA A 45 -7.22 13.93 -9.63
CA ALA A 45 -8.12 13.67 -10.72
C ALA A 45 -8.36 14.93 -11.52
N LYS A 46 -8.84 14.77 -12.73
CA LYS A 46 -9.31 15.93 -13.48
C LYS A 46 -10.81 15.80 -13.66
N ILE A 47 -11.48 16.91 -13.92
CA ILE A 47 -12.89 16.92 -14.22
C ILE A 47 -13.09 16.48 -15.68
N LYS A 48 -13.79 15.37 -15.86
CA LYS A 48 -14.24 14.96 -17.19
C LYS A 48 -15.38 15.83 -17.67
N ARG A 49 -16.31 16.05 -16.77
CA ARG A 49 -17.46 16.87 -17.10
C ARG A 49 -18.38 17.13 -15.91
N LEU A 50 -18.94 18.34 -15.84
CA LEU A 50 -19.99 18.64 -14.86
C LEU A 50 -21.32 18.51 -15.58
N GLU A 51 -22.29 17.96 -14.88
CA GLU A 51 -23.69 17.89 -15.36
C GLU A 51 -24.51 18.39 -14.22
N LEU A 52 -24.67 19.71 -14.13
CA LEU A 52 -25.22 20.32 -12.92
C LEU A 52 -26.73 20.18 -12.74
N VAL A 53 -27.49 20.19 -13.84
CA VAL A 53 -28.93 19.90 -13.82
C VAL A 53 -29.13 18.49 -13.25
N ASP A 54 -28.34 17.54 -13.70
CA ASP A 54 -28.42 16.15 -13.24
C ASP A 54 -27.65 15.81 -11.97
N HIS A 55 -27.13 16.83 -11.28
CA HIS A 55 -26.43 16.66 -9.97
C HIS A 55 -25.22 15.69 -10.05
N ARG A 56 -24.41 15.81 -11.11
CA ARG A 56 -23.28 14.93 -11.32
C ARG A 56 -21.94 15.68 -11.57
N ILE A 57 -20.89 15.26 -10.89
CA ILE A 57 -19.54 15.70 -11.16
C ILE A 57 -18.77 14.46 -11.59
N LEU A 58 -18.27 14.43 -12.83
CA LEU A 58 -17.56 13.26 -13.33
C LEU A 58 -16.09 13.53 -13.38
N LEU A 59 -15.35 12.69 -12.66
CA LEU A 59 -13.92 12.80 -12.48
C LEU A 59 -13.19 11.67 -13.16
N GLU A 60 -11.97 11.92 -13.65
CA GLU A 60 -11.10 10.83 -14.14
C GLU A 60 -9.77 10.91 -13.38
N ARG A 61 -9.28 9.81 -12.85
CA ARG A 61 -8.02 9.84 -12.12
C ARG A 61 -6.81 10.23 -12.97
N GLU A 62 -5.84 10.79 -12.28
CA GLU A 62 -4.56 11.30 -12.79
C GLU A 62 -4.63 12.08 -14.08
N CYS B 2 4.94 -22.15 -9.17
N CYS B 2 6.39 -21.92 -7.57
CA CYS B 2 6.01 -21.27 -8.53
CA CYS B 2 6.73 -21.04 -8.76
C CYS B 2 5.83 -19.74 -8.85
C CYS B 2 5.94 -19.68 -8.92
N GLU B 3 5.26 -19.52 -10.04
CA GLU B 3 4.43 -18.39 -10.35
C GLU B 3 3.29 -18.26 -9.30
N ALA B 4 2.98 -17.01 -8.97
CA ALA B 4 2.05 -16.70 -7.89
C ALA B 4 0.91 -15.85 -8.42
N SER B 5 -0.29 -16.00 -7.89
CA SER B 5 -1.37 -15.05 -8.16
C SER B 5 -1.22 -13.74 -7.35
N ALA B 6 -1.47 -12.60 -7.98
CA ALA B 6 -1.48 -11.31 -7.27
C ALA B 6 -2.92 -10.94 -6.86
N PHE B 7 -3.11 -10.59 -5.61
CA PHE B 7 -4.40 -10.19 -5.10
C PHE B 7 -4.27 -8.80 -4.54
N ILE B 8 -5.32 -8.01 -4.67
CA ILE B 8 -5.33 -6.66 -4.13
C ILE B 8 -6.13 -6.75 -2.87
N VAL B 9 -5.58 -6.26 -1.78
CA VAL B 9 -6.25 -6.29 -0.49
C VAL B 9 -6.83 -4.98 -0.03
N ASN B 10 -8.16 -4.91 0.05
CA ASN B 10 -8.89 -3.73 0.48
C ASN B 10 -9.55 -4.03 1.79
N GLY B 11 -9.04 -3.47 2.87
CA GLY B 11 -9.57 -3.80 4.19
C GLY B 11 -9.46 -5.28 4.48
N ASP B 12 -10.61 -5.95 4.57
CA ASP B 12 -10.70 -7.40 4.77
C ASP B 12 -10.95 -8.20 3.47
N LYS B 13 -11.18 -7.50 2.36
CA LYS B 13 -11.44 -8.14 1.09
C LYS B 13 -10.13 -8.43 0.33
N GLU B 14 -10.11 -9.58 -0.36
CA GLU B 14 -9.08 -9.94 -1.35
C GLU B 14 -9.68 -10.12 -2.73
N GLU B 15 -9.13 -9.43 -3.73
CA GLU B 15 -9.60 -9.58 -5.09
C GLU B 15 -8.46 -10.01 -5.96
N LEU B 16 -8.66 -11.07 -6.74
CA LEU B 16 -7.70 -11.51 -7.73
C LEU B 16 -7.40 -10.38 -8.70
N PHE B 17 -6.12 -10.06 -8.88
CA PHE B 17 -5.75 -8.99 -9.79
C PHE B 17 -5.12 -9.57 -11.08
N LEU B 18 -4.29 -10.61 -10.93
CA LEU B 18 -3.64 -11.24 -12.04
C LEU B 18 -3.16 -12.63 -11.59
N GLU B 19 -3.54 -13.64 -12.38
CA GLU B 19 -3.22 -15.01 -12.09
C GLU B 19 -1.82 -15.30 -12.58
N ARG B 20 -1.16 -16.21 -11.85
CA ARG B 20 0.12 -16.80 -12.23
CA ARG B 20 0.12 -16.80 -12.23
C ARG B 20 1.18 -15.84 -12.74
N VAL B 21 1.44 -14.83 -11.92
CA VAL B 21 2.49 -13.83 -12.19
C VAL B 21 3.85 -14.46 -12.27
N ASP B 22 4.57 -14.13 -13.34
CA ASP B 22 5.96 -14.52 -13.48
C ASP B 22 6.84 -13.33 -13.07
N LYS B 23 6.77 -12.22 -13.83
CA LYS B 23 7.61 -11.05 -13.54
C LYS B 23 6.86 -9.98 -12.83
N LEU B 24 7.49 -9.38 -11.82
CA LEU B 24 6.93 -8.21 -11.12
C LEU B 24 8.08 -7.19 -11.07
N ILE B 25 7.88 -6.02 -11.69
CA ILE B 25 8.91 -4.99 -11.81
C ILE B 25 8.34 -3.65 -11.30
N PRO B 26 8.78 -3.19 -10.12
CA PRO B 26 8.36 -1.86 -9.66
C PRO B 26 8.92 -0.78 -10.63
N THR B 27 8.05 0.13 -11.04
CA THR B 27 8.46 1.27 -11.89
C THR B 27 7.90 2.55 -11.28
N GLU B 28 8.27 3.69 -11.85
CA GLU B 28 7.67 5.00 -11.45
C GLU B 28 6.18 5.06 -11.68
N GLU B 29 5.71 4.39 -12.73
CA GLU B 29 4.26 4.31 -13.07
C GLU B 29 3.47 3.23 -12.35
N GLY B 30 4.13 2.45 -11.48
CA GLY B 30 3.44 1.36 -10.79
C GLY B 30 4.18 0.04 -10.93
N LEU B 31 3.60 -0.99 -10.32
CA LEU B 31 4.16 -2.32 -10.42
C LEU B 31 3.75 -2.88 -11.76
N LEU B 32 4.73 -3.25 -12.58
CA LEU B 32 4.43 -3.95 -13.83
C LEU B 32 4.48 -5.48 -13.64
N LEU B 33 3.36 -6.14 -13.91
CA LEU B 33 3.22 -7.60 -13.73
C LEU B 33 3.09 -8.27 -15.07
N GLU B 34 3.78 -9.38 -15.29
CA GLU B 34 3.57 -10.20 -16.48
C GLU B 34 3.35 -11.63 -16.02
N ASN B 35 2.24 -12.21 -16.43
CA ASN B 35 1.96 -13.61 -16.07
C ASN B 35 2.50 -14.61 -17.06
N ILE B 36 2.38 -15.90 -16.73
CA ILE B 36 2.93 -16.96 -17.63
C ILE B 36 2.23 -17.05 -19.01
N PHE B 37 1.03 -16.47 -19.13
CA PHE B 37 0.26 -16.46 -20.41
C PHE B 37 0.63 -15.21 -21.27
N GLY B 38 1.48 -14.33 -20.74
CA GLY B 38 1.97 -13.16 -21.47
C GLY B 38 1.12 -11.92 -21.22
N GLN B 39 0.06 -12.04 -20.41
CA GLN B 39 -0.75 -10.92 -20.05
C GLN B 39 0.02 -9.97 -19.11
N ARG B 40 -0.08 -8.67 -19.40
CA ARG B 40 0.59 -7.63 -18.62
C ARG B 40 -0.39 -6.67 -18.00
N LYS B 41 -0.12 -6.26 -16.76
CA LYS B 41 -0.92 -5.23 -16.07
C LYS B 41 0.01 -4.34 -15.25
N VAL B 42 -0.33 -3.05 -15.16
CA VAL B 42 0.38 -2.10 -14.31
C VAL B 42 -0.54 -1.64 -13.20
N ILE B 43 -0.04 -1.55 -11.97
CA ILE B 43 -0.87 -1.10 -10.85
C ILE B 43 -0.06 -0.25 -9.89
N LYS B 44 -0.60 0.93 -9.53
CA LYS B 44 0.00 1.79 -8.51
C LYS B 44 -0.33 1.15 -7.16
N ALA B 45 0.64 0.42 -6.62
CA ALA B 45 0.39 -0.38 -5.42
C ALA B 45 1.70 -0.68 -4.75
N LYS B 46 1.62 -1.04 -3.47
CA LYS B 46 2.80 -1.51 -2.79
C LYS B 46 2.57 -2.99 -2.48
N ILE B 47 3.69 -3.72 -2.31
CA ILE B 47 3.61 -5.10 -1.86
C ILE B 47 3.38 -5.13 -0.36
N LYS B 48 2.25 -5.69 0.06
CA LYS B 48 2.00 -5.96 1.49
CA LYS B 48 2.01 -5.96 1.48
C LYS B 48 2.84 -7.15 1.95
N ARG B 49 2.89 -8.19 1.14
CA ARG B 49 3.66 -9.37 1.43
C ARG B 49 3.61 -10.46 0.36
N LEU B 50 4.74 -11.10 0.15
CA LEU B 50 4.84 -12.26 -0.71
C LEU B 50 4.71 -13.50 0.16
N GLU B 51 3.95 -14.48 -0.33
CA GLU B 51 3.78 -15.76 0.36
C GLU B 51 4.00 -16.80 -0.70
N LEU B 52 5.29 -17.10 -0.95
CA LEU B 52 5.65 -17.83 -2.15
C LEU B 52 5.32 -19.32 -2.18
N VAL B 53 5.40 -19.98 -1.01
CA VAL B 53 4.98 -21.40 -0.89
C VAL B 53 3.50 -21.51 -1.29
N ASP B 54 2.68 -20.57 -0.77
CA ASP B 54 1.25 -20.54 -1.03
C ASP B 54 0.82 -19.83 -2.33
N HIS B 55 1.79 -19.48 -3.19
CA HIS B 55 1.50 -18.89 -4.51
C HIS B 55 0.72 -17.59 -4.45
N ARG B 56 1.10 -16.70 -3.51
CA ARG B 56 0.37 -15.43 -3.32
C ARG B 56 1.26 -14.19 -3.32
N ILE B 57 0.86 -13.17 -4.06
CA ILE B 57 1.48 -11.84 -4.01
C ILE B 57 0.36 -10.93 -3.50
N LEU B 58 0.55 -10.31 -2.33
CA LEU B 58 -0.49 -9.44 -1.77
C LEU B 58 -0.11 -8.01 -1.89
N LEU B 59 -0.98 -7.26 -2.57
CA LEU B 59 -0.78 -5.88 -2.93
C LEU B 59 -1.78 -4.98 -2.19
N GLU B 60 -1.37 -3.75 -1.91
CA GLU B 60 -2.30 -2.71 -1.42
C GLU B 60 -2.22 -1.51 -2.36
N ARG B 61 -3.36 -1.12 -2.87
CA ARG B 61 -3.37 0.11 -3.67
CA ARG B 61 -3.42 0.16 -3.71
C ARG B 61 -2.80 1.47 -2.94
N GLU B 62 -2.30 2.31 -3.79
CA GLU B 62 -1.82 3.62 -3.37
C GLU B 62 -2.61 4.66 -4.12
N CYS C 2 3.78 1.09 14.29
CA CYS C 2 4.51 -0.19 14.10
C CYS C 2 3.87 -1.41 14.83
N GLU C 3 4.09 -2.54 14.23
CA GLU C 3 3.50 -3.79 14.65
C GLU C 3 3.99 -4.14 16.09
N ALA C 4 3.08 -4.75 16.84
CA ALA C 4 3.29 -5.02 18.24
C ALA C 4 3.08 -6.47 18.53
N SER C 5 3.83 -7.05 19.46
CA SER C 5 3.50 -8.40 19.96
C SER C 5 2.35 -8.40 20.97
N ALA C 6 1.43 -9.36 20.88
CA ALA C 6 0.36 -9.50 21.87
C ALA C 6 0.74 -10.53 22.94
N PHE C 7 0.53 -10.14 24.20
CA PHE C 7 0.83 -11.01 25.34
C PHE C 7 -0.43 -11.20 26.16
N ILE C 8 -0.59 -12.41 26.73
CA ILE C 8 -1.62 -12.63 27.76
C ILE C 8 -1.00 -12.37 29.12
N VAL C 9 -1.61 -11.48 29.85
CA VAL C 9 -1.07 -11.02 31.10
C VAL C 9 -1.89 -11.31 32.33
N ASN C 10 -2.44 -12.51 32.40
CA ASN C 10 -3.21 -12.93 33.55
C ASN C 10 -2.32 -13.27 34.76
N GLY C 11 -2.55 -12.56 35.84
CA GLY C 11 -1.74 -12.73 37.02
C GLY C 11 -0.46 -11.97 36.85
N ASP C 12 0.62 -12.61 37.25
CA ASP C 12 2.03 -12.10 37.21
C ASP C 12 2.82 -12.59 35.97
N LYS C 13 2.24 -13.52 35.24
CA LYS C 13 2.87 -14.06 34.04
C LYS C 13 2.47 -13.22 32.81
N GLU C 14 3.45 -13.05 31.90
CA GLU C 14 3.19 -12.61 30.51
C GLU C 14 3.58 -13.68 29.52
N GLU C 15 2.64 -14.12 28.69
CA GLU C 15 2.94 -15.17 27.73
C GLU C 15 2.66 -14.65 26.35
N LEU C 16 3.64 -14.82 25.45
CA LEU C 16 3.49 -14.42 24.07
C LEU C 16 2.29 -15.13 23.45
N PHE C 17 1.38 -14.37 22.86
CA PHE C 17 0.21 -14.96 22.22
C PHE C 17 0.34 -14.92 20.68
N LEU C 18 0.86 -13.82 20.16
CA LEU C 18 1.07 -13.65 18.74
C LEU C 18 2.07 -12.52 18.52
N GLU C 19 3.10 -12.80 17.74
CA GLU C 19 4.17 -11.86 17.46
C GLU C 19 3.74 -10.94 16.35
N ARG C 20 4.28 -9.75 16.40
CA ARG C 20 4.12 -8.70 15.45
C ARG C 20 2.76 -8.51 14.83
N VAL C 21 1.77 -8.32 15.67
CA VAL C 21 0.35 -8.06 15.26
C VAL C 21 0.27 -6.80 14.44
N ASP C 22 -0.42 -6.93 13.32
CA ASP C 22 -0.74 -5.77 12.50
C ASP C 22 -2.17 -5.36 12.79
N LYS C 23 -3.15 -6.23 12.47
CA LYS C 23 -4.57 -5.89 12.67
C LYS C 23 -5.12 -6.51 13.93
N LEU C 24 -5.92 -5.76 14.67
CA LEU C 24 -6.65 -6.28 15.81
C LEU C 24 -8.12 -5.78 15.64
N ILE C 25 -9.05 -6.72 15.53
CA ILE C 25 -10.47 -6.45 15.23
C ILE C 25 -11.33 -7.14 16.26
N PRO C 26 -11.95 -6.39 17.20
CA PRO C 26 -12.91 -7.00 18.12
C PRO C 26 -14.12 -7.56 17.31
N THR C 27 -14.50 -8.80 17.60
CA THR C 27 -15.66 -9.42 16.96
C THR C 27 -16.53 -10.06 18.05
N GLU C 28 -17.69 -10.60 17.65
CA GLU C 28 -18.56 -11.37 18.56
C GLU C 28 -17.87 -12.58 19.16
N GLU C 29 -17.00 -13.23 18.37
CA GLU C 29 -16.24 -14.42 18.79
C GLU C 29 -14.95 -14.11 19.54
N GLY C 30 -14.59 -12.84 19.73
CA GLY C 30 -13.32 -12.51 20.35
C GLY C 30 -12.51 -11.50 19.55
N LEU C 31 -11.30 -11.22 20.02
CA LEU C 31 -10.43 -10.29 19.31
C LEU C 31 -9.78 -11.10 18.20
N LEU C 32 -9.94 -10.65 16.97
CA LEU C 32 -9.25 -11.27 15.85
C LEU C 32 -7.95 -10.51 15.53
N LEU C 33 -6.83 -11.24 15.60
CA LEU C 33 -5.48 -10.68 15.41
C LEU C 33 -4.90 -11.23 14.11
N GLU C 34 -4.27 -10.37 13.31
CA GLU C 34 -3.50 -10.84 12.17
C GLU C 34 -2.13 -10.22 12.23
N ASN C 35 -1.09 -11.07 12.18
CA ASN C 35 0.28 -10.54 12.24
C ASN C 35 0.85 -10.25 10.87
N ILE C 36 2.07 -9.67 10.83
CA ILE C 36 2.69 -9.30 9.55
C ILE C 36 3.02 -10.51 8.63
N PHE C 37 3.07 -11.71 9.20
CA PHE C 37 3.34 -12.95 8.42
C PHE C 37 2.03 -13.57 7.88
N GLY C 38 0.88 -12.99 8.24
CA GLY C 38 -0.44 -13.43 7.77
C GLY C 38 -1.08 -14.46 8.67
N GLN C 39 -0.41 -14.80 9.77
CA GLN C 39 -0.98 -15.71 10.76
C GLN C 39 -2.14 -15.02 11.51
N ARG C 40 -3.24 -15.75 11.66
CA ARG C 40 -4.44 -15.21 12.33
C ARG C 40 -4.80 -16.01 13.56
N LYS C 41 -5.25 -15.33 14.61
CA LYS C 41 -5.72 -15.99 15.84
C LYS C 41 -6.87 -15.20 16.42
N VAL C 42 -7.84 -15.90 17.01
CA VAL C 42 -8.96 -15.26 17.71
C VAL C 42 -8.86 -15.58 19.20
N ILE C 43 -9.12 -14.61 20.05
CA ILE C 43 -9.07 -14.83 21.51
C ILE C 43 -10.16 -14.04 22.22
N LYS C 44 -10.89 -14.69 23.12
CA LYS C 44 -11.87 -13.99 23.97
C LYS C 44 -11.06 -13.32 25.07
N ALA C 45 -10.82 -12.03 24.90
CA ALA C 45 -9.98 -11.29 25.83
C ALA C 45 -10.30 -9.81 25.73
N LYS C 46 -9.91 -9.07 26.76
CA LYS C 46 -10.01 -7.64 26.69
C LYS C 46 -8.58 -7.07 26.64
N ILE C 47 -8.47 -5.89 26.07
CA ILE C 47 -7.21 -5.17 26.05
C ILE C 47 -6.99 -4.53 27.43
N LYS C 48 -5.92 -4.95 28.11
CA LYS C 48 -5.48 -4.30 29.33
C LYS C 48 -4.83 -2.95 29.00
N ARG C 49 -3.91 -2.95 28.04
CA ARG C 49 -3.31 -1.70 27.59
C ARG C 49 -2.48 -1.97 26.31
N LEU C 50 -2.44 -0.94 25.46
CA LEU C 50 -1.55 -0.90 24.34
C LEU C 50 -0.39 -0.02 24.69
N GLU C 51 0.80 -0.45 24.31
CA GLU C 51 2.05 0.29 24.62
C GLU C 51 2.78 0.29 23.30
N LEU C 52 2.45 1.26 22.45
CA LEU C 52 2.87 1.17 21.06
C LEU C 52 4.34 1.51 20.78
N VAL C 53 4.92 2.44 21.56
CA VAL C 53 6.36 2.74 21.50
C VAL C 53 7.14 1.48 21.82
N ASP C 54 6.72 0.75 22.86
CA ASP C 54 7.35 -0.49 23.29
C ASP C 54 6.91 -1.77 22.57
N HIS C 55 6.12 -1.63 21.50
CA HIS C 55 5.70 -2.78 20.66
C HIS C 55 4.94 -3.86 21.45
N ARG C 56 4.02 -3.45 22.30
CA ARG C 56 3.27 -4.39 23.08
C ARG C 56 1.76 -4.22 23.17
N ILE C 57 1.04 -5.30 23.04
CA ILE C 57 -0.41 -5.33 23.18
C ILE C 57 -0.64 -6.27 24.38
N LEU C 58 -1.20 -5.75 25.49
CA LEU C 58 -1.44 -6.59 26.67
C LEU C 58 -2.88 -6.91 26.80
N LEU C 59 -3.15 -8.21 26.82
CA LEU C 59 -4.49 -8.76 26.83
C LEU C 59 -4.74 -9.49 28.17
N GLU C 60 -6.01 -9.50 28.61
CA GLU C 60 -6.43 -10.36 29.72
C GLU C 60 -7.60 -11.23 29.26
N ARG C 61 -7.52 -12.54 29.48
CA ARG C 61 -8.60 -13.48 29.11
CA ARG C 61 -8.60 -13.48 29.11
C ARG C 61 -9.92 -13.14 29.83
N GLU C 62 -11.02 -13.44 29.14
CA GLU C 62 -12.40 -13.42 29.59
C GLU C 62 -13.19 -14.55 28.87
N ASP C 63 -14.39 -14.93 29.38
CA ASP C 63 -15.21 -15.98 28.74
C ASP C 63 -16.51 -15.45 28.15
N CYS D 2 3.50 2.99 16.51
CA CYS D 2 4.70 3.66 16.94
C CYS D 2 4.61 5.13 16.59
N GLU D 3 4.19 5.42 15.37
CA GLU D 3 3.90 6.79 14.98
C GLU D 3 2.45 6.68 14.60
N ALA D 4 1.65 6.19 15.53
CA ALA D 4 0.23 5.97 15.31
C ALA D 4 -0.75 7.04 15.72
N SER D 5 -1.64 7.39 14.81
CA SER D 5 -2.70 8.32 15.03
C SER D 5 -4.01 7.65 15.36
N ALA D 6 -4.75 8.22 16.32
CA ALA D 6 -6.11 7.75 16.65
C ALA D 6 -7.16 8.57 15.92
N PHE D 7 -8.14 7.90 15.31
CA PHE D 7 -9.22 8.57 14.59
C PHE D 7 -10.57 8.13 15.16
N ILE D 8 -11.54 9.05 15.16
CA ILE D 8 -12.95 8.68 15.43
C ILE D 8 -13.62 8.39 14.11
N VAL D 9 -14.25 7.22 14.00
CA VAL D 9 -14.86 6.80 12.74
C VAL D 9 -16.40 6.80 12.89
N ASN D 10 -17.04 7.73 12.19
CA ASN D 10 -18.50 7.79 12.17
C ASN D 10 -19.00 7.49 10.77
N GLY D 11 -19.46 6.26 10.56
CA GLY D 11 -19.83 5.78 9.20
C GLY D 11 -18.62 5.77 8.29
N ASP D 12 -18.59 6.65 7.28
CA ASP D 12 -17.46 6.78 6.36
C ASP D 12 -16.49 7.93 6.71
N LYS D 13 -16.85 8.75 7.68
CA LYS D 13 -15.99 9.89 8.06
C LYS D 13 -14.98 9.46 9.15
N GLU D 14 -13.76 10.02 9.04
CA GLU D 14 -12.69 9.90 10.03
C GLU D 14 -12.27 11.26 10.52
N GLU D 15 -12.20 11.44 11.83
CA GLU D 15 -11.66 12.66 12.39
C GLU D 15 -10.48 12.34 13.26
N LEU D 16 -9.36 13.00 13.02
CA LEU D 16 -8.19 12.87 13.84
C LEU D 16 -8.50 13.22 15.29
N PHE D 17 -8.16 12.32 16.20
CA PHE D 17 -8.46 12.52 17.63
C PHE D 17 -7.18 12.83 18.41
N LEU D 18 -6.10 12.11 18.09
CA LEU D 18 -4.82 12.30 18.75
C LEU D 18 -3.68 11.72 17.88
N GLU D 19 -2.63 12.50 17.73
CA GLU D 19 -1.49 12.11 16.97
C GLU D 19 -0.46 11.51 17.88
N ARG D 20 0.38 10.66 17.32
CA ARG D 20 1.47 10.05 18.01
C ARG D 20 1.12 9.41 19.34
N VAL D 21 0.08 8.60 19.33
CA VAL D 21 -0.35 7.85 20.50
C VAL D 21 0.68 6.81 20.88
N ASP D 22 1.04 6.81 22.16
CA ASP D 22 1.85 5.74 22.71
C ASP D 22 0.94 4.73 23.43
N LYS D 23 0.28 5.17 24.50
CA LYS D 23 -0.54 4.28 25.34
C LYS D 23 -2.00 4.43 25.03
N LEU D 24 -2.69 3.29 25.07
CA LEU D 24 -4.15 3.29 25.10
C LEU D 24 -4.56 2.33 26.24
N ILE D 25 -5.27 2.85 27.24
CA ILE D 25 -5.67 2.11 28.44
C ILE D 25 -7.19 2.23 28.62
N PRO D 26 -7.95 1.15 28.39
CA PRO D 26 -9.38 1.16 28.69
C PRO D 26 -9.58 1.39 30.22
N THR D 27 -10.46 2.34 30.57
CA THR D 27 -10.80 2.60 31.97
C THR D 27 -12.32 2.64 32.10
N GLU D 28 -12.81 2.76 33.34
CA GLU D 28 -14.24 2.96 33.62
C GLU D 28 -14.80 4.23 32.98
N GLU D 29 -13.94 5.22 32.87
CA GLU D 29 -14.25 6.51 32.32
C GLU D 29 -14.07 6.65 30.82
N GLY D 30 -13.65 5.58 30.14
CA GLY D 30 -13.36 5.67 28.72
C GLY D 30 -11.96 5.19 28.38
N LEU D 31 -11.61 5.32 27.10
CA LEU D 31 -10.28 4.93 26.67
C LEU D 31 -9.37 6.08 26.99
N LEU D 32 -8.33 5.82 27.77
CA LEU D 32 -7.35 6.84 28.07
C LEU D 32 -6.16 6.71 27.10
N LEU D 33 -5.91 7.78 26.35
CA LEU D 33 -4.83 7.82 25.35
C LEU D 33 -3.76 8.75 25.79
N GLU D 34 -2.51 8.32 25.63
CA GLU D 34 -1.37 9.19 26.01
C GLU D 34 -0.43 9.19 24.81
N ASN D 35 -0.09 10.38 24.34
CA ASN D 35 0.85 10.47 23.21
C ASN D 35 2.31 10.54 23.66
N ILE D 36 3.26 10.54 22.72
CA ILE D 36 4.68 10.54 23.08
C ILE D 36 5.16 11.81 23.85
N PHE D 37 4.37 12.89 23.81
CA PHE D 37 4.70 14.13 24.56
C PHE D 37 4.12 14.13 25.96
N GLY D 38 3.33 13.10 26.29
CA GLY D 38 2.68 12.94 27.61
C GLY D 38 1.32 13.60 27.69
N GLN D 39 0.84 14.15 26.57
CA GLN D 39 -0.50 14.69 26.52
C GLN D 39 -1.55 13.54 26.57
N ARG D 40 -2.58 13.73 27.40
CA ARG D 40 -3.61 12.73 27.61
C ARG D 40 -4.98 13.18 27.20
N LYS D 41 -5.79 12.25 26.69
CA LYS D 41 -7.21 12.48 26.39
C LYS D 41 -7.98 11.21 26.71
N VAL D 42 -9.20 11.39 27.21
CA VAL D 42 -10.09 10.28 27.56
C VAL D 42 -11.30 10.36 26.65
N ILE D 43 -11.75 9.22 26.13
CA ILE D 43 -12.92 9.22 25.25
C ILE D 43 -13.75 7.96 25.47
N LYS D 44 -15.06 8.15 25.62
CA LYS D 44 -15.99 7.04 25.78
C LYS D 44 -16.21 6.48 24.37
N ALA D 45 -15.51 5.38 24.09
CA ALA D 45 -15.45 4.79 22.76
C ALA D 45 -15.03 3.36 22.86
N LYS D 46 -15.21 2.61 21.80
CA LYS D 46 -14.62 1.30 21.70
C LYS D 46 -13.61 1.34 20.56
N ILE D 47 -12.67 0.40 20.54
CA ILE D 47 -11.79 0.22 19.41
C ILE D 47 -12.56 -0.51 18.29
N LYS D 48 -12.69 0.15 17.15
CA LYS D 48 -13.21 -0.49 15.95
C LYS D 48 -12.15 -1.43 15.34
N ARG D 49 -10.93 -0.93 15.20
CA ARG D 49 -9.84 -1.75 14.68
C ARG D 49 -8.49 -1.03 14.88
N LEU D 50 -7.45 -1.82 15.12
CA LEU D 50 -6.07 -1.33 15.06
C LEU D 50 -5.50 -1.75 13.71
N GLU D 51 -4.77 -0.83 13.07
CA GLU D 51 -4.06 -1.13 11.84
C GLU D 51 -2.66 -0.60 12.06
N LEU D 52 -1.82 -1.39 12.73
CA LEU D 52 -0.59 -0.87 13.29
C LEU D 52 0.54 -0.60 12.27
N VAL D 53 0.62 -1.42 11.21
CA VAL D 53 1.53 -1.18 10.09
C VAL D 53 1.25 0.19 9.48
N ASP D 54 -0.04 0.48 9.26
CA ASP D 54 -0.48 1.75 8.71
C ASP D 54 -0.65 2.91 9.70
N HIS D 55 -0.17 2.73 10.94
CA HIS D 55 -0.17 3.79 11.96
C HIS D 55 -1.54 4.32 12.36
N ARG D 56 -2.54 3.43 12.43
CA ARG D 56 -3.92 3.85 12.66
C ARG D 56 -4.62 3.14 13.83
N ILE D 57 -5.24 3.93 14.71
CA ILE D 57 -6.11 3.39 15.73
C ILE D 57 -7.50 3.93 15.44
N LEU D 58 -8.45 3.04 15.14
CA LEU D 58 -9.80 3.50 14.79
C LEU D 58 -10.74 3.24 15.93
N LEU D 59 -11.36 4.32 16.39
CA LEU D 59 -12.27 4.32 17.53
C LEU D 59 -13.70 4.63 17.07
N GLU D 60 -14.68 4.06 17.76
CA GLU D 60 -16.11 4.37 17.51
C GLU D 60 -16.77 4.80 18.80
N ARG D 61 -17.47 5.92 18.80
CA ARG D 61 -18.12 6.46 20.05
C ARG D 61 -19.16 5.49 20.62
N GLU D 62 -19.40 5.47 21.94
CA GLU D 62 -20.54 4.72 22.52
C GLU D 62 -21.46 5.63 23.33
N CYS E 2 7.47 20.62 -33.44
CA CYS E 2 6.37 19.87 -32.85
C CYS E 2 6.81 18.77 -31.83
N GLU E 3 5.85 18.48 -30.98
CA GLU E 3 5.89 17.42 -30.03
C GLU E 3 6.12 16.07 -30.70
N ALA E 4 6.89 15.22 -30.04
CA ALA E 4 7.37 13.93 -30.61
C ALA E 4 6.88 12.89 -29.57
N SER E 5 6.66 11.66 -30.03
CA SER E 5 6.33 10.59 -29.14
C SER E 5 7.57 9.91 -28.58
N ALA E 6 7.53 9.59 -27.26
CA ALA E 6 8.62 8.80 -26.65
C ALA E 6 8.28 7.31 -26.63
N PHE E 7 9.24 6.48 -27.00
CA PHE E 7 9.09 5.02 -27.04
C PHE E 7 10.15 4.36 -26.17
N ILE E 8 9.80 3.25 -25.54
CA ILE E 8 10.80 2.40 -24.86
C ILE E 8 11.21 1.31 -25.83
N VAL E 9 12.50 1.17 -26.06
CA VAL E 9 13.01 0.20 -27.01
C VAL E 9 13.71 -0.97 -26.26
N ASN E 10 13.13 -2.14 -26.35
CA ASN E 10 13.80 -3.36 -25.85
CA ASN E 10 13.82 -3.35 -25.87
C ASN E 10 14.13 -4.28 -27.04
N GLY E 11 15.36 -4.25 -27.50
CA GLY E 11 15.77 -5.00 -28.68
C GLY E 11 15.08 -4.49 -29.93
N ASP E 12 14.18 -5.31 -30.51
CA ASP E 12 13.36 -4.91 -31.66
C ASP E 12 11.96 -4.43 -31.30
N LYS E 13 11.57 -4.55 -30.03
CA LYS E 13 10.27 -4.10 -29.57
C LYS E 13 10.28 -2.61 -29.17
N GLU E 14 9.21 -1.90 -29.54
CA GLU E 14 8.96 -0.51 -29.19
C GLU E 14 7.62 -0.42 -28.50
N GLU E 15 7.58 0.23 -27.33
CA GLU E 15 6.33 0.53 -26.70
C GLU E 15 6.21 2.03 -26.54
N LEU E 16 5.08 2.57 -26.97
CA LEU E 16 4.74 3.96 -26.74
C LEU E 16 4.76 4.25 -25.23
N PHE E 17 5.50 5.29 -24.84
CA PHE E 17 5.57 5.67 -23.43
C PHE E 17 4.79 6.95 -23.16
N LEU E 18 4.87 7.92 -24.07
CA LEU E 18 4.18 9.20 -23.90
C LEU E 18 4.11 9.93 -25.26
N GLU E 19 2.93 10.40 -25.61
CA GLU E 19 2.72 11.06 -26.86
C GLU E 19 2.80 12.54 -26.66
N ARG E 20 3.26 13.21 -27.69
CA ARG E 20 3.28 14.69 -27.74
C ARG E 20 4.12 15.30 -26.62
N VAL E 21 5.30 14.74 -26.40
CA VAL E 21 6.26 15.23 -25.43
C VAL E 21 6.72 16.63 -25.84
N ASP E 22 6.66 17.55 -24.88
CA ASP E 22 7.22 18.86 -25.08
C ASP E 22 8.59 18.92 -24.39
N LYS E 23 8.61 18.77 -23.06
CA LYS E 23 9.88 18.87 -22.32
C LYS E 23 10.42 17.51 -21.94
N LEU E 24 11.74 17.36 -22.06
CA LEU E 24 12.39 16.17 -21.52
C LEU E 24 13.60 16.66 -20.69
N ILE E 25 13.59 16.33 -19.39
CA ILE E 25 14.54 16.88 -18.41
C ILE E 25 15.17 15.71 -17.65
N PRO E 26 16.46 15.39 -17.89
CA PRO E 26 17.17 14.44 -17.07
C PRO E 26 17.21 14.91 -15.60
N THR E 27 16.84 14.03 -14.66
CA THR E 27 16.92 14.33 -13.23
C THR E 27 17.60 13.19 -12.53
N GLU E 28 17.86 13.34 -11.21
CA GLU E 28 18.45 12.23 -10.41
C GLU E 28 17.51 11.03 -10.35
N GLU E 29 16.20 11.28 -10.36
CA GLU E 29 15.17 10.24 -10.37
C GLU E 29 14.83 9.63 -11.73
N GLY E 30 15.45 10.11 -12.81
CA GLY E 30 15.08 9.62 -14.16
C GLY E 30 14.81 10.74 -15.12
N LEU E 31 14.41 10.38 -16.33
CA LEU E 31 14.06 11.38 -17.33
C LEU E 31 12.65 11.83 -17.02
N LEU E 32 12.47 13.12 -16.81
CA LEU E 32 11.15 13.65 -16.60
C LEU E 32 10.60 14.21 -17.93
N LEU E 33 9.45 13.66 -18.35
CA LEU E 33 8.80 14.06 -19.62
C LEU E 33 7.53 14.79 -19.32
N GLU E 34 7.31 15.91 -20.01
CA GLU E 34 6.03 16.63 -19.88
C GLU E 34 5.47 16.80 -21.28
N ASN E 35 4.21 16.35 -21.46
CA ASN E 35 3.59 16.51 -22.79
C ASN E 35 2.86 17.84 -22.91
N ILE E 36 2.35 18.14 -24.10
CA ILE E 36 1.70 19.44 -24.33
C ILE E 36 0.41 19.68 -23.49
N PHE E 37 -0.18 18.61 -22.95
CA PHE E 37 -1.39 18.72 -22.10
C PHE E 37 -1.04 18.86 -20.62
N GLY E 38 0.26 18.83 -20.30
CA GLY E 38 0.77 19.05 -18.93
C GLY E 38 0.91 17.75 -18.15
N GLN E 39 0.62 16.62 -18.79
CA GLN E 39 0.84 15.33 -18.17
C GLN E 39 2.32 15.02 -18.04
N ARG E 40 2.74 14.54 -16.87
CA ARG E 40 4.17 14.26 -16.60
C ARG E 40 4.39 12.79 -16.28
N LYS E 41 5.52 12.25 -16.74
CA LYS E 41 5.96 10.90 -16.39
C LYS E 41 7.46 10.87 -16.24
N VAL E 42 7.94 10.07 -15.29
CA VAL E 42 9.37 9.93 -15.02
C VAL E 42 9.78 8.50 -15.37
N ILE E 43 10.95 8.33 -15.99
CA ILE E 43 11.45 6.99 -16.29
C ILE E 43 12.95 6.92 -16.16
N LYS E 44 13.45 5.90 -15.45
CA LYS E 44 14.89 5.66 -15.35
C LYS E 44 15.32 5.03 -16.66
N ALA E 45 15.89 5.86 -17.54
CA ALA E 45 16.24 5.45 -18.89
C ALA E 45 17.30 6.34 -19.44
N LYS E 46 17.94 5.90 -20.50
CA LYS E 46 18.82 6.78 -21.26
C LYS E 46 18.17 7.01 -22.63
N ILE E 47 18.53 8.12 -23.26
CA ILE E 47 18.15 8.34 -24.65
C ILE E 47 19.02 7.49 -25.58
N LYS E 48 18.38 6.59 -26.31
CA LYS E 48 19.05 5.83 -27.34
C LYS E 48 19.28 6.72 -28.59
N ARG E 49 18.25 7.43 -28.96
CA ARG E 49 18.31 8.36 -30.05
C ARG E 49 17.09 9.23 -30.22
N LEU E 50 17.33 10.42 -30.70
CA LEU E 50 16.27 11.33 -31.15
C LEU E 50 16.20 11.26 -32.64
N GLU E 51 14.97 11.18 -33.18
CA GLU E 51 14.73 11.19 -34.61
C GLU E 51 13.62 12.19 -34.82
N LEU E 52 13.98 13.47 -34.86
CA LEU E 52 13.01 14.54 -34.69
C LEU E 52 12.14 14.82 -35.92
N VAL E 53 12.65 14.63 -37.12
CA VAL E 53 11.80 14.73 -38.34
C VAL E 53 10.67 13.70 -38.27
N ASP E 54 11.02 12.47 -37.85
CA ASP E 54 10.05 11.40 -37.69
C ASP E 54 9.29 11.37 -36.35
N HIS E 55 9.39 12.42 -35.56
CA HIS E 55 8.63 12.61 -34.28
C HIS E 55 8.89 11.53 -33.26
N ARG E 56 10.15 11.09 -33.12
CA ARG E 56 10.48 9.95 -32.24
C ARG E 56 11.58 10.26 -31.21
N ILE E 57 11.29 9.92 -29.95
CA ILE E 57 12.31 9.94 -28.90
C ILE E 57 12.44 8.46 -28.47
N LEU E 58 13.60 7.86 -28.65
CA LEU E 58 13.80 6.47 -28.30
C LEU E 58 14.62 6.34 -27.05
N LEU E 59 14.03 5.67 -26.08
CA LEU E 59 14.57 5.51 -24.75
C LEU E 59 14.91 4.04 -24.49
N GLU E 60 15.96 3.79 -23.70
CA GLU E 60 16.28 2.43 -23.25
C GLU E 60 16.35 2.42 -21.73
N ARG E 61 15.61 1.51 -21.07
CA ARG E 61 15.63 1.39 -19.61
C ARG E 61 17.01 1.11 -19.03
N GLU E 62 17.26 1.62 -17.82
CA GLU E 62 18.47 1.24 -17.06
C GLU E 62 18.08 0.52 -15.79
N GLY F 1 9.68 -20.49 -7.12
CA GLY F 1 8.87 -19.54 -6.40
C GLY F 1 8.54 -20.26 -5.09
N CYS F 2 8.01 -21.49 -5.16
CA CYS F 2 7.98 -22.40 -4.05
C CYS F 2 9.37 -22.39 -3.52
N GLU F 3 10.38 -22.72 -4.36
CA GLU F 3 11.79 -22.41 -4.04
C GLU F 3 12.34 -21.17 -4.70
N ALA F 4 12.12 -19.98 -4.13
CA ALA F 4 12.82 -18.80 -4.69
C ALA F 4 13.96 -18.21 -3.86
N SER F 5 15.10 -18.09 -4.54
CA SER F 5 16.24 -17.50 -3.92
C SER F 5 16.26 -15.97 -4.05
N ALA F 6 16.64 -15.29 -2.97
CA ALA F 6 16.84 -13.82 -3.00
C ALA F 6 18.30 -13.46 -3.26
N PHE F 7 18.53 -12.54 -4.17
CA PHE F 7 19.89 -12.09 -4.54
C PHE F 7 19.99 -10.58 -4.37
N ILE F 8 21.17 -10.11 -3.97
CA ILE F 8 21.50 -8.66 -3.99
C ILE F 8 22.16 -8.36 -5.32
N VAL F 9 21.63 -7.39 -6.04
CA VAL F 9 22.11 -7.05 -7.37
C VAL F 9 22.80 -5.67 -7.34
N ASN F 10 24.11 -5.68 -7.50
CA ASN F 10 24.88 -4.44 -7.58
C ASN F 10 25.48 -4.32 -8.97
N GLY F 11 24.85 -3.49 -9.81
CA GLY F 11 25.21 -3.39 -11.23
C GLY F 11 24.93 -4.70 -11.94
N ASP F 12 25.99 -5.37 -12.40
CA ASP F 12 25.90 -6.69 -13.03
C ASP F 12 26.22 -7.86 -12.09
N LYS F 13 26.65 -7.57 -10.86
CA LYS F 13 26.96 -8.59 -9.90
C LYS F 13 25.73 -9.04 -9.08
N GLU F 14 25.63 -10.33 -8.82
CA GLU F 14 24.59 -10.96 -7.99
C GLU F 14 25.20 -11.72 -6.84
N GLU F 15 24.71 -11.50 -5.64
CA GLU F 15 25.14 -12.28 -4.47
C GLU F 15 23.92 -12.92 -3.86
N LEU F 16 23.97 -14.22 -3.64
CA LEU F 16 22.93 -14.92 -2.94
C LEU F 16 22.76 -14.34 -1.54
N PHE F 17 21.53 -14.00 -1.18
CA PHE F 17 21.23 -13.48 0.15
C PHE F 17 20.53 -14.50 1.03
N LEU F 18 19.60 -15.26 0.43
CA LEU F 18 18.80 -16.25 1.17
C LEU F 18 18.14 -17.21 0.18
N GLU F 19 18.30 -18.48 0.41
CA GLU F 19 17.72 -19.55 -0.42
C GLU F 19 16.36 -19.87 0.15
N ARG F 20 15.52 -20.36 -0.75
CA ARG F 20 14.20 -20.95 -0.37
C ARG F 20 13.33 -19.99 0.46
N VAL F 21 13.28 -18.73 0.03
CA VAL F 21 12.43 -17.73 0.68
C VAL F 21 10.96 -18.09 0.51
N ASP F 22 10.25 -18.07 1.63
CA ASP F 22 8.81 -18.23 1.61
C ASP F 22 8.15 -16.83 1.68
N LYS F 23 8.34 -16.14 2.79
CA LYS F 23 7.71 -14.82 2.99
C LYS F 23 8.68 -13.69 2.75
N LEU F 24 8.22 -12.63 2.09
CA LEU F 24 8.93 -11.38 2.04
C LEU F 24 7.95 -10.26 2.45
N ILE F 25 8.28 -9.54 3.51
CA ILE F 25 7.38 -8.54 4.14
C ILE F 25 8.15 -7.22 4.29
N PRO F 26 7.81 -6.20 3.48
CA PRO F 26 8.37 -4.86 3.67
C PRO F 26 7.98 -4.33 5.07
N THR F 27 8.98 -3.84 5.82
CA THR F 27 8.74 -3.22 7.14
C THR F 27 9.48 -1.89 7.18
N GLU F 28 9.30 -1.13 8.28
CA GLU F 28 10.05 0.13 8.48
C GLU F 28 11.56 -0.12 8.57
N GLU F 29 11.97 -1.27 9.12
CA GLU F 29 13.38 -1.66 9.25
C GLU F 29 13.98 -2.32 8.01
N GLY F 30 13.20 -2.52 6.95
CA GLY F 30 13.71 -3.23 5.79
C GLY F 30 12.80 -4.37 5.36
N LEU F 31 13.27 -5.12 4.37
CA LEU F 31 12.52 -6.26 3.89
C LEU F 31 12.80 -7.39 4.81
N LEU F 32 11.75 -7.96 5.40
CA LEU F 32 11.91 -9.13 6.24
C LEU F 32 11.64 -10.39 5.42
N LEU F 33 12.64 -11.27 5.35
CA LEU F 33 12.55 -12.52 4.58
C LEU F 33 12.53 -13.69 5.51
N GLU F 34 11.63 -14.64 5.26
CA GLU F 34 11.61 -15.88 6.06
C GLU F 34 11.65 -17.03 5.07
N ASN F 35 12.64 -17.93 5.24
CA ASN F 35 12.72 -19.10 4.36
C ASN F 35 11.87 -20.27 4.87
N ILE F 36 11.79 -21.34 4.09
CA ILE F 36 10.93 -22.48 4.47
C ILE F 36 11.34 -23.21 5.77
N PHE F 37 12.59 -22.99 6.21
CA PHE F 37 13.10 -23.60 7.46
C PHE F 37 12.88 -22.70 8.68
N GLY F 38 12.31 -21.51 8.44
CA GLY F 38 11.93 -20.55 9.51
C GLY F 38 13.03 -19.55 9.80
N GLN F 39 14.15 -19.63 9.08
CA GLN F 39 15.21 -18.67 9.23
C GLN F 39 14.81 -17.31 8.68
N ARG F 40 15.11 -16.25 9.41
CA ARG F 40 14.74 -14.89 9.06
C ARG F 40 15.94 -13.98 8.88
N LYS F 41 15.86 -13.06 7.91
CA LYS F 41 16.85 -12.02 7.69
C LYS F 41 16.14 -10.74 7.28
N VAL F 42 16.67 -9.60 7.73
CA VAL F 42 16.14 -8.28 7.37
C VAL F 42 17.16 -7.54 6.55
N ILE F 43 16.73 -6.86 5.50
CA ILE F 43 17.65 -6.09 4.68
C ILE F 43 17.01 -4.80 4.21
N LYS F 44 17.73 -3.69 4.37
CA LYS F 44 17.30 -2.38 3.88
C LYS F 44 17.58 -2.40 2.37
N ALA F 45 16.51 -2.64 1.61
CA ALA F 45 16.63 -2.86 0.18
C ALA F 45 15.30 -2.67 -0.47
N LYS F 46 15.31 -2.44 -1.77
CA LYS F 46 14.08 -2.41 -2.51
C LYS F 46 14.08 -3.64 -3.45
N ILE F 47 12.90 -4.05 -3.89
CA ILE F 47 12.80 -5.10 -4.91
C ILE F 47 13.09 -4.50 -6.28
N LYS F 48 14.16 -4.97 -6.92
CA LYS F 48 14.44 -4.62 -8.30
C LYS F 48 13.47 -5.33 -9.25
N ARG F 49 13.27 -6.62 -9.01
CA ARG F 49 12.34 -7.42 -9.76
C ARG F 49 12.15 -8.83 -9.23
N LEU F 50 10.96 -9.34 -9.38
CA LEU F 50 10.68 -10.76 -9.14
C LEU F 50 10.72 -11.45 -10.50
N GLU F 51 11.33 -12.64 -10.52
CA GLU F 51 11.31 -13.51 -11.70
C GLU F 51 10.91 -14.87 -11.19
N LEU F 52 9.61 -15.08 -11.02
CA LEU F 52 9.13 -16.19 -10.22
C LEU F 52 9.22 -17.59 -10.90
N VAL F 53 9.06 -17.63 -12.24
CA VAL F 53 9.30 -18.85 -13.02
C VAL F 53 10.73 -19.34 -12.80
N ASP F 54 11.69 -18.41 -12.85
CA ASP F 54 13.10 -18.68 -12.66
C ASP F 54 13.58 -18.72 -11.20
N HIS F 55 12.66 -18.70 -10.24
CA HIS F 55 12.96 -18.81 -8.79
C HIS F 55 13.86 -17.71 -8.26
N ARG F 56 13.65 -16.47 -8.70
CA ARG F 56 14.58 -15.35 -8.34
C ARG F 56 13.86 -14.14 -7.76
N ILE F 57 14.38 -13.65 -6.64
CA ILE F 57 13.94 -12.37 -6.06
C ILE F 57 15.15 -11.47 -6.11
N LEU F 58 15.10 -10.38 -6.89
CA LEU F 58 16.28 -9.52 -7.02
C LEU F 58 16.06 -8.24 -6.25
N LEU F 59 16.98 -8.01 -5.33
CA LEU F 59 16.94 -6.90 -4.39
C LEU F 59 18.09 -5.93 -4.70
N GLU F 60 17.86 -4.63 -4.50
CA GLU F 60 18.94 -3.61 -4.58
C GLU F 60 19.03 -2.90 -3.22
N ARG F 61 20.22 -2.86 -2.64
CA ARG F 61 20.44 -2.13 -1.35
C ARG F 61 20.07 -0.63 -1.44
N GLU F 62 19.67 -0.02 -0.31
CA GLU F 62 19.62 1.45 -0.19
C GLU F 62 20.55 2.00 0.89
#